data_6BQP
#
_entry.id   6BQP
#
_cell.length_a   49.113
_cell.length_b   77.834
_cell.length_c   78.709
_cell.angle_alpha   90.00
_cell.angle_beta   90.00
_cell.angle_gamma   90.00
#
_symmetry.space_group_name_H-M   'P 21 21 21'
#
loop_
_entity.id
_entity.type
_entity.pdbx_description
1 polymer 'Calcium/calmodulin-dependent protein kinase kinase 2'
2 non-polymer 1-(2-{5-[(3-Methyloxetan-3-yl)methoxy]-1H-benzimidazol-1-yl}quinolin-8-yl)piperidin-4-amine
3 non-polymer 1,2-ETHANEDIOL
4 water water
#
_entity_poly.entity_id   1
_entity_poly.type   'polypeptide(L)'
_entity_poly.pdbx_seq_one_letter_code
;SMQLNQYTLKDEIGKGSYGVVKLAYNENDNTYYAMKVLSKKKLIRQAGFPRRPPPRGTRPAPGGCIQPRGPIEQVYQEIA
ILKKLDHPNVVKLVEVLDDPNEDHLYMVFELVNQGPVMEVPTLKPLSEDQARFYFQDLIKGIEYLHYQKIIHRDIKPSNL
LVGEDGHIKIADFGVSNEFKGSDALLSNTVGTPAFMAPESLSETRKIFSGKALDVWAMGVTLYCFVFGQCPFMDERIMCL
HSKIKSQALEFPDQPDIAEDLKDLITRMLDKNPESRIVVPEIKLHPWVTRH
;
_entity_poly.pdbx_strand_id   A
#
# COMPACT_ATOMS: atom_id res chain seq x y z
N MET A 2 -26.38 -6.28 11.76
CA MET A 2 -26.07 -7.25 10.72
C MET A 2 -25.27 -8.43 11.27
N GLN A 3 -25.94 -9.58 11.39
CA GLN A 3 -25.30 -10.79 11.90
C GLN A 3 -24.87 -11.66 10.74
N LEU A 4 -23.65 -12.21 10.82
CA LEU A 4 -23.04 -13.13 9.87
C LEU A 4 -22.31 -14.19 10.65
N ASN A 5 -22.99 -15.31 10.94
CA ASN A 5 -22.47 -16.38 11.80
C ASN A 5 -22.16 -15.78 13.18
N GLN A 6 -20.96 -16.01 13.70
CA GLN A 6 -20.51 -15.44 14.96
C GLN A 6 -20.21 -13.91 14.96
N TYR A 7 -20.22 -13.27 13.78
CA TYR A 7 -19.80 -11.85 13.67
C TYR A 7 -21.00 -10.93 13.58
N THR A 8 -20.95 -9.82 14.29
CA THR A 8 -21.88 -8.73 14.15
C THR A 8 -21.13 -7.63 13.43
N LEU A 9 -21.66 -7.19 12.28
CA LEU A 9 -21.01 -6.16 11.51
C LEU A 9 -21.43 -4.79 12.05
N LYS A 10 -20.45 -3.88 12.16
CA LYS A 10 -20.66 -2.54 12.68
C LYS A 10 -20.34 -1.53 11.59
N ASP A 11 -19.79 -0.37 11.95
CA ASP A 11 -19.54 0.74 11.04
C ASP A 11 -18.44 0.47 10.01
N GLU A 12 -18.55 1.14 8.88
CA GLU A 12 -17.56 1.15 7.85
C GLU A 12 -16.32 1.87 8.39
N ILE A 13 -15.17 1.26 8.18
CA ILE A 13 -13.90 1.83 8.65
C ILE A 13 -12.88 2.11 7.52
N GLY A 14 -13.21 1.70 6.30
CA GLY A 14 -12.39 2.03 5.14
C GLY A 14 -13.10 1.68 3.84
N LYS A 15 -12.58 2.23 2.76
CA LYS A 15 -13.00 1.85 1.43
C LYS A 15 -11.93 0.87 0.91
N GLY A 16 -10.97 1.34 0.17
CA GLY A 16 -9.99 0.44 -0.44
C GLY A 16 -10.18 0.26 -1.91
N SER A 17 -9.28 -0.50 -2.52
CA SER A 17 -9.31 -0.66 -3.97
C SER A 17 -10.62 -1.32 -4.46
N TYR A 18 -11.16 -2.30 -3.72
CA TYR A 18 -12.45 -2.90 -4.02
C TYR A 18 -13.28 -3.07 -2.73
N GLY A 19 -14.58 -2.80 -2.81
CA GLY A 19 -15.50 -3.05 -1.69
C GLY A 19 -15.21 -2.11 -0.52
N VAL A 20 -15.56 -2.53 0.70
CA VAL A 20 -15.46 -1.69 1.87
C VAL A 20 -14.99 -2.56 3.02
N VAL A 21 -14.51 -1.90 4.07
CA VAL A 21 -14.05 -2.58 5.24
C VAL A 21 -14.90 -2.12 6.40
N LYS A 22 -15.42 -3.10 7.16
CA LYS A 22 -16.29 -2.87 8.29
C LYS A 22 -15.71 -3.49 9.53
N LEU A 23 -15.91 -2.81 10.66
CA LEU A 23 -15.65 -3.37 11.95
C LEU A 23 -16.60 -4.53 12.21
N ALA A 24 -16.11 -5.60 12.78
CA ALA A 24 -16.96 -6.77 13.04
C ALA A 24 -16.61 -7.26 14.43
N TYR A 25 -17.63 -7.44 15.27
CA TYR A 25 -17.48 -8.08 16.59
C TYR A 25 -17.70 -9.58 16.46
N ASN A 26 -16.79 -10.34 17.02
CA ASN A 26 -16.88 -11.78 16.98
C ASN A 26 -17.34 -12.23 18.39
N GLU A 27 -18.57 -12.76 18.46
CA GLU A 27 -19.16 -13.21 19.73
C GLU A 27 -18.45 -14.38 20.40
N ASN A 28 -17.78 -15.24 19.63
CA ASN A 28 -17.10 -16.41 20.18
C ASN A 28 -15.84 -16.12 20.95
N ASP A 29 -14.97 -15.24 20.44
CA ASP A 29 -13.73 -14.90 21.16
C ASP A 29 -13.69 -13.48 21.75
N ASN A 30 -14.81 -12.76 21.67
CA ASN A 30 -15.03 -11.49 22.35
C ASN A 30 -14.05 -10.40 22.01
N THR A 31 -13.84 -10.26 20.71
CA THR A 31 -12.95 -9.24 20.20
C THR A 31 -13.36 -8.84 18.79
N TYR A 32 -12.64 -7.89 18.25
CA TYR A 32 -13.05 -7.26 17.03
C TYR A 32 -12.11 -7.62 15.88
N TYR A 33 -12.68 -7.65 14.67
CA TYR A 33 -11.99 -7.92 13.42
C TYR A 33 -12.33 -6.83 12.42
N ALA A 34 -11.54 -6.79 11.34
CA ALA A 34 -11.84 -5.97 10.17
C ALA A 34 -12.33 -6.90 9.04
N MET A 35 -13.50 -6.61 8.49
CA MET A 35 -14.12 -7.47 7.49
C MET A 35 -14.17 -6.69 6.20
N LYS A 36 -13.51 -7.19 5.16
CA LYS A 36 -13.67 -6.64 3.83
C LYS A 36 -14.90 -7.29 3.19
N VAL A 37 -15.77 -6.46 2.62
CA VAL A 37 -17.05 -6.92 2.07
C VAL A 37 -17.08 -6.63 0.58
N LEU A 38 -17.33 -7.64 -0.24
CA LEU A 38 -17.33 -7.51 -1.69
C LEU A 38 -18.69 -7.96 -2.24
N SER A 39 -19.17 -7.25 -3.26
CA SER A 39 -20.36 -7.66 -4.02
C SER A 39 -19.91 -8.37 -5.27
N LYS A 40 -20.30 -9.64 -5.41
CA LYS A 40 -20.07 -10.36 -6.66
C LYS A 40 -20.68 -9.64 -7.88
N LYS A 41 -21.93 -9.20 -7.79
CA LYS A 41 -22.58 -8.46 -8.88
C LYS A 41 -21.81 -7.16 -9.21
N LYS A 42 -21.38 -6.40 -8.20
CA LYS A 42 -20.61 -5.15 -8.45
C LYS A 42 -19.21 -5.39 -9.03
N LEU A 43 -18.56 -6.52 -8.70
CA LEU A 43 -17.22 -6.85 -9.27
C LEU A 43 -17.31 -7.27 -10.75
N ILE A 44 -18.35 -8.05 -11.11
CA ILE A 44 -18.66 -8.40 -12.52
C ILE A 44 -18.67 -7.16 -13.44
N ARG A 45 -19.61 -6.22 -13.23
CA ARG A 45 -19.49 -4.87 -13.80
C ARG A 45 -18.38 -4.03 -13.10
N ILE A 72 -15.05 -13.09 -10.32
CA ILE A 72 -14.79 -14.06 -9.26
C ILE A 72 -13.29 -14.34 -9.10
N GLU A 73 -12.63 -14.64 -10.21
CA GLU A 73 -11.26 -15.20 -10.17
C GLU A 73 -10.20 -14.25 -9.60
N GLN A 74 -10.28 -12.94 -9.90
CA GLN A 74 -9.34 -11.96 -9.35
C GLN A 74 -9.42 -11.94 -7.79
N VAL A 75 -10.64 -12.06 -7.25
CA VAL A 75 -10.84 -12.15 -5.79
C VAL A 75 -10.17 -13.39 -5.20
N TYR A 76 -10.35 -14.52 -5.85
CA TYR A 76 -9.81 -15.78 -5.33
C TYR A 76 -8.26 -15.78 -5.43
N GLN A 77 -7.71 -15.03 -6.38
CA GLN A 77 -6.27 -14.85 -6.47
C GLN A 77 -5.74 -13.95 -5.32
N GLU A 78 -6.50 -12.91 -4.98
CA GLU A 78 -6.19 -12.12 -3.80
C GLU A 78 -6.20 -13.00 -2.53
N ILE A 79 -7.19 -13.90 -2.41
CA ILE A 79 -7.30 -14.82 -1.26
C ILE A 79 -6.09 -15.74 -1.21
N ALA A 80 -5.67 -16.22 -2.39
CA ALA A 80 -4.54 -17.12 -2.50
C ALA A 80 -3.26 -16.43 -2.02
N ILE A 81 -3.04 -15.20 -2.50
CA ILE A 81 -1.94 -14.39 -2.04
C ILE A 81 -1.97 -14.26 -0.51
N LEU A 82 -3.08 -13.76 0.01
CA LEU A 82 -3.21 -13.50 1.45
C LEU A 82 -2.93 -14.70 2.29
N LYS A 83 -3.38 -15.86 1.82
CA LYS A 83 -3.21 -17.14 2.51
C LYS A 83 -1.76 -17.56 2.72
N LYS A 84 -0.85 -17.18 1.83
CA LYS A 84 0.55 -17.60 1.99
C LYS A 84 1.40 -16.62 2.81
N LEU A 85 0.78 -15.55 3.29
CA LEU A 85 1.49 -14.43 3.95
C LEU A 85 1.32 -14.43 5.47
N ASP A 86 2.44 -14.27 6.16
CA ASP A 86 2.51 -14.28 7.59
C ASP A 86 3.75 -13.48 8.05
N HIS A 87 3.57 -12.20 8.38
CA HIS A 87 4.72 -11.34 8.74
C HIS A 87 4.13 -10.28 9.67
N PRO A 88 4.88 -9.83 10.67
CA PRO A 88 4.33 -8.81 11.60
C PRO A 88 3.98 -7.47 10.95
N ASN A 89 4.56 -7.17 9.79
CA ASN A 89 4.24 -5.90 9.09
C ASN A 89 3.29 -6.05 7.94
N VAL A 90 2.53 -7.14 7.92
CA VAL A 90 1.51 -7.34 6.94
C VAL A 90 0.22 -7.80 7.67
N VAL A 91 -0.92 -7.24 7.27
CA VAL A 91 -2.21 -7.55 7.93
C VAL A 91 -2.60 -9.02 7.62
N LYS A 92 -2.95 -9.76 8.65
CA LYS A 92 -3.31 -11.16 8.52
C LYS A 92 -4.79 -11.36 8.11
N LEU A 93 -5.00 -12.22 7.13
CA LEU A 93 -6.29 -12.78 6.79
C LEU A 93 -6.59 -13.94 7.74
N VAL A 94 -7.74 -13.90 8.40
CA VAL A 94 -8.15 -14.89 9.40
C VAL A 94 -9.05 -15.95 8.74
N GLU A 95 -10.06 -15.53 7.98
CA GLU A 95 -10.91 -16.47 7.23
C GLU A 95 -11.77 -15.77 6.16
N VAL A 96 -12.37 -16.58 5.30
CA VAL A 96 -13.19 -16.12 4.21
C VAL A 96 -14.56 -16.78 4.38
N LEU A 97 -15.64 -16.02 4.29
CA LEU A 97 -17.01 -16.49 4.35
C LEU A 97 -17.61 -16.23 2.99
N ASP A 98 -17.88 -17.30 2.27
CA ASP A 98 -18.24 -17.25 0.86
C ASP A 98 -19.37 -18.24 0.55
N ASP A 99 -20.59 -17.81 0.80
CA ASP A 99 -21.79 -18.55 0.42
C ASP A 99 -22.05 -18.36 -1.08
N PRO A 100 -22.00 -19.44 -1.88
CA PRO A 100 -22.37 -19.29 -3.31
C PRO A 100 -23.84 -18.84 -3.59
N ASN A 101 -24.72 -18.87 -2.58
CA ASN A 101 -26.11 -18.37 -2.72
C ASN A 101 -26.31 -16.92 -2.34
N GLU A 102 -25.22 -16.23 -1.97
CA GLU A 102 -25.24 -14.83 -1.63
C GLU A 102 -24.35 -14.08 -2.61
N ASP A 103 -24.74 -12.85 -2.86
CA ASP A 103 -23.96 -11.91 -3.67
C ASP A 103 -22.68 -11.50 -2.91
N HIS A 104 -22.75 -11.37 -1.59
CA HIS A 104 -21.65 -10.82 -0.78
C HIS A 104 -20.61 -11.84 -0.38
N LEU A 105 -19.33 -11.48 -0.52
CA LEU A 105 -18.22 -12.28 -0.07
C LEU A 105 -17.51 -11.49 1.06
N TYR A 106 -17.12 -12.18 2.13
CA TYR A 106 -16.58 -11.54 3.33
C TYR A 106 -15.19 -12.09 3.62
N MET A 107 -14.22 -11.19 3.77
CA MET A 107 -12.86 -11.58 4.09
C MET A 107 -12.55 -10.98 5.45
N VAL A 108 -12.29 -11.85 6.42
CA VAL A 108 -12.04 -11.42 7.80
C VAL A 108 -10.55 -11.30 8.03
N PHE A 109 -10.17 -10.13 8.53
CA PHE A 109 -8.81 -9.77 8.79
C PHE A 109 -8.67 -9.42 10.25
N GLU A 110 -7.43 -9.48 10.74
CA GLU A 110 -7.11 -8.88 12.03
C GLU A 110 -7.42 -7.38 11.97
N LEU A 111 -7.89 -6.84 13.11
CA LEU A 111 -8.12 -5.44 13.27
C LEU A 111 -6.83 -4.80 13.85
N VAL A 112 -6.40 -3.71 13.21
CA VAL A 112 -5.26 -2.94 13.64
C VAL A 112 -5.81 -1.61 14.20
N ASN A 113 -5.91 -1.55 15.54
CA ASN A 113 -6.65 -0.53 16.31
C ASN A 113 -6.63 0.88 15.85
N GLN A 114 -5.41 1.41 15.69
CA GLN A 114 -5.18 2.82 15.48
C GLN A 114 -5.40 3.25 14.04
N GLY A 115 -5.54 2.28 13.14
CA GLY A 115 -5.86 2.61 11.77
C GLY A 115 -4.67 3.26 11.02
N PRO A 116 -4.96 3.84 9.82
CA PRO A 116 -3.98 4.47 8.97
C PRO A 116 -3.00 5.40 9.70
N VAL A 117 -1.72 5.29 9.35
CA VAL A 117 -0.72 6.20 9.90
C VAL A 117 -1.07 7.65 9.68
N MET A 118 -1.64 8.00 8.53
CA MET A 118 -2.00 9.42 8.27
C MET A 118 -2.93 9.53 7.08
N GLU A 119 -3.61 10.66 6.98
CA GLU A 119 -4.42 11.07 5.83
C GLU A 119 -3.58 12.09 5.05
N VAL A 120 -3.66 12.06 3.73
CA VAL A 120 -2.90 12.97 2.91
C VAL A 120 -3.93 13.74 2.13
N PRO A 121 -3.88 15.06 2.12
CA PRO A 121 -2.85 15.87 2.77
C PRO A 121 -3.12 16.11 4.25
N THR A 122 -2.12 16.55 4.97
CA THR A 122 -2.26 16.93 6.37
C THR A 122 -1.29 18.06 6.64
N LEU A 123 -1.65 18.95 7.56
CA LEU A 123 -0.75 20.00 8.02
C LEU A 123 0.07 19.51 9.23
N LYS A 124 -0.25 18.31 9.72
CA LYS A 124 0.44 17.64 10.82
C LYS A 124 1.30 16.44 10.35
N PRO A 125 2.39 16.66 9.58
CA PRO A 125 3.16 15.51 9.11
C PRO A 125 3.98 14.88 10.24
N LEU A 126 4.57 13.72 9.95
CA LEU A 126 5.38 13.01 10.93
C LEU A 126 6.70 13.68 11.09
N SER A 127 7.33 13.57 12.27
CA SER A 127 8.73 14.02 12.44
C SER A 127 9.62 13.09 11.66
N GLU A 128 10.86 13.50 11.47
CA GLU A 128 11.82 12.65 10.79
C GLU A 128 12.03 11.33 11.53
N ASP A 129 12.09 11.40 12.85
CA ASP A 129 12.26 10.20 13.68
C ASP A 129 11.07 9.20 13.62
N GLN A 130 9.86 9.71 13.63
CA GLN A 130 8.68 8.87 13.50
C GLN A 130 8.64 8.22 12.11
N ALA A 131 8.92 9.04 11.09
CA ALA A 131 8.96 8.56 9.72
C ALA A 131 9.97 7.45 9.54
N ARG A 132 11.16 7.58 10.12
CA ARG A 132 12.16 6.53 10.03
C ARG A 132 11.64 5.22 10.64
N PHE A 133 11.00 5.34 11.78
CA PHE A 133 10.52 4.17 12.48
C PHE A 133 9.50 3.40 11.66
N TYR A 134 8.53 4.12 11.10
CA TYR A 134 7.55 3.49 10.22
C TYR A 134 8.15 3.00 8.91
N PHE A 135 9.06 3.76 8.36
CA PHE A 135 9.71 3.41 7.10
C PHE A 135 10.54 2.14 7.26
N GLN A 136 11.18 1.94 8.42
CA GLN A 136 11.85 0.65 8.72
C GLN A 136 10.88 -0.56 8.69
N ASP A 137 9.69 -0.39 9.23
CA ASP A 137 8.66 -1.41 9.18
C ASP A 137 8.24 -1.66 7.74
N LEU A 138 8.09 -0.58 6.97
CA LEU A 138 7.69 -0.65 5.59
C LEU A 138 8.68 -1.45 4.77
N ILE A 139 9.97 -1.16 4.97
CA ILE A 139 11.02 -1.91 4.34
C ILE A 139 10.93 -3.38 4.65
N LYS A 140 10.72 -3.75 5.92
CA LYS A 140 10.61 -5.17 6.29
C LYS A 140 9.42 -5.86 5.58
N GLY A 141 8.30 -5.15 5.57
CA GLY A 141 7.07 -5.69 5.00
C GLY A 141 7.25 -5.91 3.51
N ILE A 142 7.74 -4.89 2.82
CA ILE A 142 7.93 -4.97 1.40
C ILE A 142 8.96 -6.00 1.01
N GLU A 143 10.01 -6.08 1.81
CA GLU A 143 11.11 -7.06 1.54
C GLU A 143 10.50 -8.48 1.60
N TYR A 144 9.67 -8.69 2.61
CA TYR A 144 8.95 -9.94 2.76
C TYR A 144 7.99 -10.22 1.55
N LEU A 145 7.17 -9.25 1.19
CA LEU A 145 6.26 -9.45 0.06
C LEU A 145 7.04 -9.83 -1.20
N HIS A 146 8.13 -9.09 -1.48
CA HIS A 146 8.87 -9.35 -2.71
C HIS A 146 9.51 -10.73 -2.73
N TYR A 147 9.94 -11.17 -1.53
CA TYR A 147 10.49 -12.51 -1.30
C TYR A 147 9.43 -13.57 -1.62
N GLN A 148 8.20 -13.30 -1.16
CA GLN A 148 7.04 -14.18 -1.45
C GLN A 148 6.48 -14.01 -2.86
N LYS A 149 7.18 -13.24 -3.70
CA LYS A 149 6.85 -13.01 -5.12
C LYS A 149 5.49 -12.30 -5.32
N ILE A 150 5.25 -11.34 -4.43
CA ILE A 150 4.11 -10.45 -4.49
C ILE A 150 4.55 -9.00 -4.70
N ILE A 151 3.97 -8.35 -5.72
CA ILE A 151 4.07 -6.92 -5.87
C ILE A 151 2.81 -6.31 -5.26
N HIS A 152 2.96 -5.43 -4.27
CA HIS A 152 1.76 -4.86 -3.58
C HIS A 152 0.83 -3.96 -4.51
N ARG A 153 1.45 -3.04 -5.22
CA ARG A 153 0.78 -2.16 -6.20
C ARG A 153 -0.05 -0.99 -5.65
N ASP A 154 -0.14 -0.86 -4.33
CA ASP A 154 -0.91 0.23 -3.72
C ASP A 154 -0.35 0.67 -2.38
N ILE A 155 0.97 0.83 -2.36
CA ILE A 155 1.63 1.36 -1.19
C ILE A 155 1.39 2.85 -1.11
N LYS A 156 0.89 3.26 0.05
CA LYS A 156 0.53 4.64 0.36
C LYS A 156 0.22 4.73 1.86
N PRO A 157 0.33 5.93 2.43
CA PRO A 157 0.14 6.04 3.87
C PRO A 157 -1.19 5.55 4.39
N SER A 158 -2.25 5.74 3.63
CA SER A 158 -3.55 5.36 4.10
C SER A 158 -3.74 3.83 4.12
N ASN A 159 -2.80 3.05 3.49
CA ASN A 159 -2.80 1.58 3.55
C ASN A 159 -1.87 0.98 4.56
N LEU A 160 -1.24 1.83 5.38
CA LEU A 160 -0.30 1.44 6.42
C LEU A 160 -0.93 1.70 7.80
N LEU A 161 -1.24 0.59 8.49
CA LEU A 161 -2.06 0.61 9.70
C LEU A 161 -1.18 0.52 10.93
N VAL A 162 -1.45 1.36 11.93
CA VAL A 162 -0.59 1.41 13.13
C VAL A 162 -1.16 0.49 14.18
N GLY A 163 -0.35 -0.47 14.62
CA GLY A 163 -0.78 -1.48 15.57
C GLY A 163 -0.63 -0.95 16.99
N GLU A 164 -1.24 -1.67 17.91
CA GLU A 164 -1.11 -1.35 19.35
C GLU A 164 0.33 -1.30 19.82
N ASP A 165 1.20 -2.11 19.22
CA ASP A 165 2.64 -2.03 19.49
C ASP A 165 3.39 -0.85 18.82
N GLY A 166 2.69 0.03 18.11
CA GLY A 166 3.31 1.18 17.45
C GLY A 166 3.89 0.85 16.08
N HIS A 167 3.80 -0.40 15.62
CA HIS A 167 4.43 -0.79 14.35
C HIS A 167 3.39 -0.76 13.25
N ILE A 168 3.81 -0.52 12.02
CA ILE A 168 2.85 -0.52 10.92
C ILE A 168 2.65 -1.89 10.30
N LYS A 169 1.45 -2.10 9.75
CA LYS A 169 1.13 -3.29 8.97
C LYS A 169 0.56 -2.87 7.64
N ILE A 170 1.04 -3.51 6.56
CA ILE A 170 0.63 -3.20 5.21
C ILE A 170 -0.75 -3.89 4.94
N ALA A 171 -1.65 -3.13 4.34
CA ALA A 171 -3.02 -3.58 4.07
C ALA A 171 -3.33 -3.34 2.58
N ASP A 172 -4.41 -3.97 2.17
CA ASP A 172 -5.09 -3.88 0.88
C ASP A 172 -4.30 -4.50 -0.24
N PHE A 173 -4.60 -5.77 -0.47
CA PHE A 173 -3.99 -6.52 -1.54
C PHE A 173 -4.88 -6.57 -2.76
N GLY A 174 -5.84 -5.65 -2.87
CA GLY A 174 -6.81 -5.67 -3.96
C GLY A 174 -6.24 -5.62 -5.38
N VAL A 175 -5.09 -4.96 -5.55
CA VAL A 175 -4.50 -4.81 -6.90
C VAL A 175 -3.11 -5.46 -6.99
N SER A 176 -2.79 -6.32 -6.02
CA SER A 176 -1.46 -6.95 -5.91
C SER A 176 -1.36 -8.03 -6.97
N ASN A 177 -0.14 -8.30 -7.37
CA ASN A 177 0.20 -9.31 -8.37
C ASN A 177 1.20 -10.29 -7.78
N GLU A 178 1.02 -11.57 -8.13
CA GLU A 178 1.95 -12.59 -7.84
C GLU A 178 2.77 -12.85 -9.12
N PHE A 179 4.06 -13.13 -9.03
CA PHE A 179 4.85 -13.40 -10.24
C PHE A 179 5.66 -14.68 -10.07
N LYS A 180 6.13 -15.19 -11.21
CA LYS A 180 7.05 -16.32 -11.33
C LYS A 180 8.41 -15.75 -11.67
N GLY A 181 9.44 -16.27 -11.04
CA GLY A 181 10.81 -15.88 -11.42
C GLY A 181 11.17 -14.67 -10.63
N SER A 182 12.15 -13.89 -11.07
CA SER A 182 12.80 -12.96 -10.14
C SER A 182 12.08 -11.59 -9.99
N ASP A 183 11.25 -11.28 -10.96
CA ASP A 183 10.46 -10.02 -10.89
C ASP A 183 9.15 -10.07 -11.71
N ALA A 184 8.17 -9.27 -11.36
CA ALA A 184 6.91 -9.23 -12.16
C ALA A 184 7.16 -8.41 -13.44
N LEU A 185 6.66 -8.91 -14.55
CA LEU A 185 6.80 -8.17 -15.80
C LEU A 185 5.38 -7.69 -16.12
N LEU A 186 5.13 -6.40 -15.97
CA LEU A 186 3.76 -5.89 -15.91
C LEU A 186 3.51 -4.89 -17.04
N SER A 187 2.27 -4.84 -17.48
CA SER A 187 1.81 -3.92 -18.53
C SER A 187 0.54 -3.13 -18.18
N ASN A 188 -0.17 -3.49 -17.11
CA ASN A 188 -1.38 -2.78 -16.72
C ASN A 188 -1.07 -1.71 -15.65
N THR A 189 -1.88 -0.67 -15.61
CA THR A 189 -1.71 0.47 -14.76
C THR A 189 -2.86 0.44 -13.77
N VAL A 190 -2.56 0.12 -12.51
CA VAL A 190 -3.55 0.08 -11.43
C VAL A 190 -2.91 0.71 -10.19
N GLY A 191 -3.70 0.95 -9.15
CA GLY A 191 -3.21 1.51 -7.92
C GLY A 191 -3.75 2.92 -7.76
N THR A 192 -3.07 3.75 -6.98
CA THR A 192 -3.53 5.13 -6.71
C THR A 192 -2.72 6.04 -7.61
N PRO A 193 -3.40 6.91 -8.36
CA PRO A 193 -2.70 7.65 -9.40
C PRO A 193 -1.47 8.46 -8.92
N ALA A 194 -1.61 9.10 -7.77
CA ALA A 194 -0.49 9.90 -7.27
C ALA A 194 0.77 9.11 -6.89
N PHE A 195 0.63 7.79 -6.78
CA PHE A 195 1.70 6.89 -6.35
C PHE A 195 2.24 6.02 -7.48
N MET A 196 1.71 6.20 -8.69
CA MET A 196 2.13 5.42 -9.85
C MET A 196 3.48 5.89 -10.44
N ALA A 197 4.35 4.94 -10.70
CA ALA A 197 5.68 5.21 -11.26
C ALA A 197 5.59 5.67 -12.74
N PRO A 198 6.49 6.56 -13.17
CA PRO A 198 6.38 7.13 -14.52
C PRO A 198 6.42 6.09 -15.65
N GLU A 199 7.12 4.98 -15.45
CA GLU A 199 7.25 3.93 -16.44
C GLU A 199 5.95 3.14 -16.66
N SER A 200 4.99 3.23 -15.71
CA SER A 200 3.67 2.69 -15.84
C SER A 200 2.64 3.62 -16.51
N LEU A 201 3.07 4.81 -16.92
CA LEU A 201 2.17 5.86 -17.42
C LEU A 201 2.39 6.24 -18.90
N SER A 202 3.00 5.33 -19.69
CA SER A 202 3.25 5.58 -21.09
C SER A 202 1.94 5.44 -21.85
N GLU A 203 1.80 6.16 -22.97
CA GLU A 203 0.62 6.06 -23.84
C GLU A 203 0.67 4.75 -24.65
N THR A 204 1.86 4.41 -25.13
CA THR A 204 2.13 3.10 -25.77
C THR A 204 2.21 2.02 -24.68
N ARG A 205 1.52 0.89 -24.89
CA ARG A 205 1.74 -0.34 -24.11
C ARG A 205 3.25 -0.59 -23.94
N LYS A 206 3.69 -0.69 -22.69
CA LYS A 206 5.06 -0.95 -22.34
C LYS A 206 5.09 -2.10 -21.32
N ILE A 207 6.28 -2.63 -21.08
CA ILE A 207 6.45 -3.62 -20.04
C ILE A 207 7.41 -3.02 -19.04
N PHE A 208 7.05 -3.15 -17.77
CA PHE A 208 7.83 -2.59 -16.69
C PHE A 208 7.91 -3.58 -15.53
N SER A 209 8.95 -3.44 -14.75
CA SER A 209 9.26 -4.39 -13.68
C SER A 209 8.52 -3.95 -12.42
N GLY A 210 7.95 -4.92 -11.69
CA GLY A 210 7.08 -4.69 -10.57
C GLY A 210 7.76 -4.24 -9.27
N LYS A 211 8.92 -4.77 -8.94
CA LYS A 211 9.60 -4.38 -7.68
C LYS A 211 9.88 -2.91 -7.64
N ALA A 212 10.29 -2.37 -8.79
CA ALA A 212 10.61 -0.92 -8.92
C ALA A 212 9.34 -0.05 -8.67
N LEU A 213 8.19 -0.52 -9.14
CA LEU A 213 6.95 0.22 -8.89
C LEU A 213 6.65 0.41 -7.42
N ASP A 214 6.85 -0.64 -6.65
CA ASP A 214 6.69 -0.60 -5.19
C ASP A 214 7.71 0.31 -4.57
N VAL A 215 8.95 0.30 -5.08
CA VAL A 215 9.96 1.26 -4.55
C VAL A 215 9.55 2.71 -4.82
N TRP A 216 9.13 3.03 -6.05
CA TRP A 216 8.62 4.36 -6.31
C TRP A 216 7.51 4.77 -5.32
N ALA A 217 6.50 3.90 -5.15
CA ALA A 217 5.40 4.19 -4.20
C ALA A 217 5.89 4.33 -2.74
N MET A 218 6.95 3.61 -2.34
CA MET A 218 7.53 3.75 -1.01
C MET A 218 8.14 5.14 -0.87
N GLY A 219 8.75 5.62 -1.96
CA GLY A 219 9.30 6.94 -2.04
C GLY A 219 8.29 8.05 -1.93
N VAL A 220 7.19 7.92 -2.67
CA VAL A 220 6.05 8.82 -2.57
C VAL A 220 5.54 8.84 -1.14
N THR A 221 5.42 7.66 -0.56
CA THR A 221 4.95 7.50 0.82
C THR A 221 5.86 8.23 1.87
N LEU A 222 7.14 7.97 1.74
CA LEU A 222 8.13 8.64 2.61
C LEU A 222 8.09 10.15 2.46
N TYR A 223 8.01 10.65 1.23
CA TYR A 223 7.76 12.07 1.01
C TYR A 223 6.52 12.57 1.76
N CYS A 224 5.36 11.91 1.55
CA CYS A 224 4.15 12.22 2.32
C CYS A 224 4.35 12.23 3.84
N PHE A 225 5.06 11.23 4.35
CA PHE A 225 5.29 11.08 5.79
C PHE A 225 5.83 12.39 6.36
N VAL A 226 6.84 12.96 5.67
CA VAL A 226 7.56 14.08 6.26
C VAL A 226 7.04 15.44 5.78
N PHE A 227 6.29 15.46 4.68
CA PHE A 227 5.76 16.71 4.16
C PHE A 227 4.28 16.88 4.25
N GLY A 228 3.53 15.79 4.36
CA GLY A 228 2.06 15.85 4.49
C GLY A 228 1.33 16.11 3.18
N GLN A 229 2.07 16.02 2.08
CA GLN A 229 1.49 16.10 0.76
C GLN A 229 2.32 15.30 -0.20
N CYS A 230 1.72 14.95 -1.32
CA CYS A 230 2.40 14.17 -2.36
C CYS A 230 3.35 15.06 -3.16
N PRO A 231 4.38 14.49 -3.77
CA PRO A 231 5.32 15.25 -4.57
C PRO A 231 4.78 15.76 -5.91
N PHE A 232 3.85 15.02 -6.49
CA PHE A 232 3.28 15.36 -7.78
C PHE A 232 1.76 15.38 -7.60
N MET A 233 1.15 16.48 -7.94
CA MET A 233 -0.29 16.66 -7.65
C MET A 233 -0.94 17.48 -8.76
N ASP A 234 -2.15 17.10 -9.17
CA ASP A 234 -2.98 17.91 -10.05
C ASP A 234 -4.41 17.36 -10.06
N GLU A 235 -5.41 18.25 -10.16
CA GLU A 235 -6.81 17.83 -10.26
C GLU A 235 -7.07 17.02 -11.54
N ARG A 236 -6.38 17.39 -12.60
CA ARG A 236 -6.55 16.80 -13.93
C ARG A 236 -5.61 15.58 -14.08
N ILE A 237 -6.19 14.40 -14.23
CA ILE A 237 -5.46 13.13 -14.32
C ILE A 237 -4.30 13.14 -15.34
N MET A 238 -4.55 13.72 -16.53
CA MET A 238 -3.55 13.79 -17.59
C MET A 238 -2.34 14.67 -17.23
N CYS A 239 -2.58 15.73 -16.47
CA CYS A 239 -1.52 16.63 -16.02
C CYS A 239 -0.73 16.03 -14.87
N LEU A 240 -1.42 15.32 -13.96
CA LEU A 240 -0.76 14.51 -12.93
C LEU A 240 0.21 13.52 -13.59
N HIS A 241 -0.26 12.78 -14.59
CA HIS A 241 0.61 11.85 -15.34
C HIS A 241 1.78 12.57 -15.98
N SER A 242 1.47 13.68 -16.61
CA SER A 242 2.51 14.52 -17.19
C SER A 242 3.58 14.94 -16.16
N LYS A 243 3.15 15.33 -14.97
CA LYS A 243 4.10 15.77 -13.93
C LYS A 243 4.94 14.62 -13.43
N ILE A 244 4.30 13.48 -13.18
CA ILE A 244 5.00 12.29 -12.75
C ILE A 244 6.10 11.91 -13.76
N LYS A 245 5.80 12.01 -15.06
CA LYS A 245 6.80 11.64 -16.06
C LYS A 245 7.88 12.68 -16.34
N SER A 246 7.57 13.96 -16.20
CA SER A 246 8.44 15.01 -16.78
C SER A 246 8.82 16.20 -15.88
N GLN A 247 8.29 16.31 -14.66
CA GLN A 247 8.59 17.41 -13.75
C GLN A 247 9.66 16.91 -12.77
N ALA A 248 10.73 17.66 -12.62
CA ALA A 248 11.77 17.30 -11.66
C ALA A 248 11.19 17.40 -10.25
N LEU A 249 11.60 16.48 -9.40
CA LEU A 249 11.12 16.42 -8.02
C LEU A 249 11.48 17.72 -7.30
N GLU A 250 10.52 18.30 -6.58
CA GLU A 250 10.77 19.50 -5.78
C GLU A 250 10.36 19.21 -4.35
N PHE A 251 11.12 19.79 -3.43
CA PHE A 251 10.82 19.70 -2.01
C PHE A 251 10.11 20.97 -1.51
N PRO A 252 9.03 20.83 -0.72
CA PRO A 252 8.39 22.04 -0.18
C PRO A 252 9.35 22.83 0.70
N ASP A 253 9.00 24.10 0.91
CA ASP A 253 9.83 25.01 1.70
C ASP A 253 9.86 24.57 3.18
N GLN A 254 8.76 23.98 3.66
CA GLN A 254 8.65 23.55 5.06
C GLN A 254 8.01 22.19 5.14
N PRO A 255 8.41 21.37 6.12
CA PRO A 255 9.54 21.54 7.03
C PRO A 255 10.84 21.29 6.33
N ASP A 256 11.93 21.78 6.92
CA ASP A 256 13.24 21.43 6.47
C ASP A 256 13.49 20.00 6.90
N ILE A 257 14.19 19.25 6.05
CA ILE A 257 14.57 17.89 6.35
C ILE A 257 16.04 17.72 6.09
N ALA A 258 16.55 16.66 6.65
CA ALA A 258 17.97 16.36 6.58
C ALA A 258 18.37 15.99 5.14
N GLU A 259 19.61 16.36 4.83
CA GLU A 259 20.24 16.04 3.58
C GLU A 259 20.21 14.56 3.26
N ASP A 260 20.38 13.70 4.26
CA ASP A 260 20.44 12.27 3.94
C ASP A 260 19.03 11.75 3.60
N LEU A 261 18.01 12.34 4.22
CA LEU A 261 16.64 11.93 3.85
C LEU A 261 16.32 12.40 2.44
N LYS A 262 16.70 13.64 2.07
CA LYS A 262 16.51 14.16 0.71
C LYS A 262 17.12 13.27 -0.33
N ASP A 263 18.35 12.81 -0.02
CA ASP A 263 19.06 11.88 -0.87
C ASP A 263 18.30 10.57 -1.09
N LEU A 264 17.83 9.97 0.00
CA LEU A 264 17.09 8.71 -0.10
C LEU A 264 15.79 8.90 -0.92
N ILE A 265 15.02 9.95 -0.64
CA ILE A 265 13.77 10.22 -1.37
C ILE A 265 14.06 10.43 -2.85
N THR A 266 15.11 11.20 -3.14
CA THR A 266 15.53 11.46 -4.51
C THR A 266 15.88 10.19 -5.29
N ARG A 267 16.52 9.22 -4.62
CA ARG A 267 16.93 7.99 -5.26
C ARG A 267 15.72 7.04 -5.43
N MET A 268 14.77 7.09 -4.51
CA MET A 268 13.53 6.27 -4.66
C MET A 268 12.64 6.83 -5.82
N LEU A 269 12.58 8.15 -5.88
CA LEU A 269 11.78 8.80 -6.93
C LEU A 269 12.68 9.06 -8.16
N ASP A 270 13.48 8.07 -8.61
CA ASP A 270 14.38 8.23 -9.78
C ASP A 270 13.41 7.89 -10.93
N LYS A 271 13.17 8.75 -11.94
CA LYS A 271 12.18 8.43 -13.00
C LYS A 271 12.64 7.17 -13.78
N ASN A 272 13.96 6.97 -13.81
CA ASN A 272 14.52 5.82 -14.52
C ASN A 272 14.50 4.55 -13.63
N PRO A 273 13.68 3.56 -13.96
CA PRO A 273 13.58 2.34 -13.14
C PRO A 273 14.87 1.49 -13.11
N GLU A 274 15.73 1.62 -14.12
CA GLU A 274 17.07 0.99 -14.09
C GLU A 274 18.00 1.55 -13.06
N SER A 275 18.00 2.85 -12.84
CA SER A 275 18.94 3.40 -11.85
C SER A 275 18.27 3.66 -10.49
N ARG A 276 16.98 3.38 -10.39
CA ARG A 276 16.28 3.67 -9.15
C ARG A 276 16.82 2.73 -8.08
N ILE A 277 17.01 3.26 -6.88
CA ILE A 277 17.49 2.50 -5.73
C ILE A 277 16.63 1.23 -5.55
N VAL A 278 17.28 0.11 -5.21
CA VAL A 278 16.61 -1.14 -4.89
C VAL A 278 16.51 -1.37 -3.38
N VAL A 279 15.63 -2.27 -2.96
CA VAL A 279 15.44 -2.49 -1.48
C VAL A 279 16.75 -2.87 -0.74
N PRO A 280 17.57 -3.78 -1.30
CA PRO A 280 18.88 -3.99 -0.62
C PRO A 280 19.80 -2.76 -0.40
N GLU A 281 19.75 -1.79 -1.31
CA GLU A 281 20.36 -0.51 -1.14
C GLU A 281 19.65 0.42 -0.17
N ILE A 282 18.33 0.39 -0.18
CA ILE A 282 17.57 1.20 0.76
C ILE A 282 17.91 0.80 2.18
N LYS A 283 18.06 -0.50 2.42
CA LYS A 283 18.35 -1.00 3.79
C LYS A 283 19.71 -0.56 4.29
N LEU A 284 20.63 -0.19 3.39
CA LEU A 284 21.97 0.24 3.74
C LEU A 284 22.09 1.73 3.67
N HIS A 285 20.99 2.43 3.35
CA HIS A 285 21.07 3.88 3.22
C HIS A 285 21.38 4.51 4.62
N PRO A 286 22.24 5.50 4.68
CA PRO A 286 22.59 6.15 6.00
C PRO A 286 21.43 6.74 6.81
N TRP A 287 20.38 7.23 6.12
CA TRP A 287 19.21 7.76 6.83
C TRP A 287 18.52 6.64 7.55
N VAL A 288 18.44 5.50 6.84
CA VAL A 288 17.78 4.33 7.36
C VAL A 288 18.53 3.70 8.54
N THR A 289 19.84 3.63 8.46
CA THR A 289 20.63 2.93 9.46
C THR A 289 21.13 3.81 10.63
N ARG A 290 20.98 5.14 10.57
CA ARG A 290 21.34 6.02 11.74
C ARG A 290 20.19 6.25 12.74
#